data_7FHI
#
_entry.id   7FHI
#
loop_
_entity.id
_entity.type
_entity.pdbx_description
1 polymer "RNA (5'-R(*GP*GP*AP*UP*GP*CP*UP*UP*AP*CP*UP*CP*AP*GP*CP*CP*AP*UP*CP*C)-3')"
2 non-polymer 1-cyclopropyl-N-[3-(dimethylamino)propyl]-7-(4-ethylpiperazin-1-yl)-6-fluoranyl-4-oxidanylidene-quinoline-3-carboxamide
#
_entity_poly.entity_id   1
_entity_poly.type   'polyribonucleotide'
_entity_poly.pdbx_seq_one_letter_code
;GGAUGCUUACUCAGCCAUCC
;
_entity_poly.pdbx_strand_id   A
#